data_4KN0
#
_entry.id   4KN0
#
_cell.length_a   97.601
_cell.length_b   97.601
_cell.length_c   99.374
_cell.angle_alpha   90.00
_cell.angle_beta   90.00
_cell.angle_gamma   120.00
#
_symmetry.space_group_name_H-M   'P 61 2 2'
#
loop_
_entity.id
_entity.type
_entity.pdbx_description
1 polymer 'Folate receptor beta'
2 branched 2-acetamido-2-deoxy-beta-D-glucopyranose-(1-4)-2-acetamido-2-deoxy-beta-D-glucopyranose
3 non-polymer METHOTREXATE
4 non-polymer 'POTASSIUM ION'
5 non-polymer 'CHLORIDE ION'
6 water water
#
_entity_poly.entity_id   1
_entity_poly.type   'polypeptide(L)'
_entity_poly.pdbx_seq_one_letter_code
;GSRTDLLNVCMDAKHHKTKPGPEDKLHDQCSPWKKNACCTASTSQELHKDTSRLYNFNWDHCGKMEPACKRHFIQDTCLY
ECSPNLGPWIQQVNQSWRKERFLDVPLCKEDCQRWWEDCHTSHTCKSNWHRGWDWTSGVNKCPAGALCRTFESYFPTPAA
LCEGLWSHSYKVSNYSRGSGRCIQMWFDSAQGNPNEEVARFYAAAMH
;
_entity_poly.pdbx_strand_id   A
#
loop_
_chem_comp.id
_chem_comp.type
_chem_comp.name
_chem_comp.formula
CL non-polymer 'CHLORIDE ION' 'Cl -1'
K non-polymer 'POTASSIUM ION' 'K 1'
MTX non-polymer METHOTREXATE 'C20 H22 N8 O5'
NAG D-saccharide, beta linking 2-acetamido-2-deoxy-beta-D-glucopyranose 'C8 H15 N O6'
#
# COMPACT_ATOMS: atom_id res chain seq x y z
N ARG A 3 18.91 -14.97 0.70
CA ARG A 3 18.68 -13.99 -0.38
C ARG A 3 17.54 -14.43 -1.31
N THR A 4 17.71 -15.57 -1.99
CA THR A 4 16.66 -16.02 -2.88
C THR A 4 15.36 -16.33 -2.12
N ASP A 5 15.50 -16.76 -0.87
CA ASP A 5 14.34 -16.97 0.01
C ASP A 5 13.41 -15.77 0.14
N LEU A 6 13.90 -14.58 -0.20
CA LEU A 6 13.10 -13.35 -0.11
C LEU A 6 12.30 -13.03 -1.40
N LEU A 7 12.61 -13.71 -2.49
CA LEU A 7 11.93 -13.46 -3.76
C LEU A 7 10.61 -14.22 -3.88
N ASN A 8 9.60 -13.60 -4.48
CA ASN A 8 8.37 -14.30 -4.85
C ASN A 8 7.71 -15.02 -3.67
N VAL A 9 7.40 -14.26 -2.64
CA VAL A 9 6.67 -14.79 -1.49
C VAL A 9 5.49 -13.87 -1.15
N CYS A 10 4.56 -14.39 -0.37
CA CYS A 10 3.44 -13.63 0.14
C CYS A 10 3.61 -13.57 1.65
N MET A 11 3.39 -12.43 2.24
CA MET A 11 3.53 -12.35 3.68
C MET A 11 2.33 -13.00 4.37
N ASP A 12 2.52 -13.33 5.62
CA ASP A 12 1.49 -13.95 6.41
C ASP A 12 0.66 -12.79 6.99
N ALA A 13 -0.41 -12.43 6.29
CA ALA A 13 -1.30 -11.37 6.75
C ALA A 13 -2.74 -11.74 6.41
N LYS A 14 -3.68 -10.85 6.74
CA LYS A 14 -5.09 -11.23 6.86
C LYS A 14 -5.69 -11.95 5.64
N HIS A 15 -5.46 -11.39 4.45
CA HIS A 15 -6.10 -11.88 3.24
C HIS A 15 -5.14 -12.55 2.25
N HIS A 16 -3.84 -12.45 2.50
CA HIS A 16 -2.86 -12.98 1.56
C HIS A 16 -3.01 -14.44 1.28
N LYS A 17 -2.88 -14.80 0.01
CA LYS A 17 -2.63 -16.19 -0.37
C LYS A 17 -1.35 -16.73 0.28
N THR A 18 -1.24 -18.04 0.41
CA THR A 18 -0.05 -18.68 0.95
C THR A 18 1.21 -18.46 0.09
N LYS A 19 1.03 -18.44 -1.23
CA LYS A 19 2.13 -18.36 -2.20
C LYS A 19 1.65 -17.59 -3.44
N PRO A 20 2.56 -16.93 -4.17
CA PRO A 20 2.15 -16.17 -5.36
C PRO A 20 1.70 -17.11 -6.45
N GLY A 21 0.81 -16.65 -7.31
CA GLY A 21 0.32 -17.44 -8.43
C GLY A 21 -0.55 -16.58 -9.31
N PRO A 22 -0.85 -17.06 -10.52
CA PRO A 22 -1.57 -16.24 -11.48
C PRO A 22 -3.02 -16.03 -11.07
N GLU A 23 -3.54 -14.85 -11.39
CA GLU A 23 -4.95 -14.51 -11.14
C GLU A 23 -5.47 -13.70 -12.32
N ASP A 24 -5.97 -14.43 -13.30
CA ASP A 24 -6.38 -13.80 -14.55
C ASP A 24 -7.52 -12.79 -14.36
N LYS A 25 -8.23 -12.91 -13.24
CA LYS A 25 -9.46 -12.15 -13.01
C LYS A 25 -9.31 -11.01 -11.99
N LEU A 26 -8.09 -10.65 -11.60
CA LEU A 26 -7.86 -9.45 -10.78
C LEU A 26 -8.63 -8.24 -11.35
N HIS A 27 -9.31 -7.53 -10.46
CA HIS A 27 -10.22 -6.45 -10.82
C HIS A 27 -9.52 -5.08 -11.02
N ASP A 28 -9.95 -4.39 -12.07
CA ASP A 28 -9.63 -2.99 -12.32
C ASP A 28 -8.18 -2.62 -12.03
N GLN A 29 -7.97 -1.79 -11.00
CA GLN A 29 -6.63 -1.24 -10.75
C GLN A 29 -5.59 -2.31 -10.35
N CYS A 30 -6.05 -3.46 -9.87
CA CYS A 30 -5.12 -4.57 -9.54
C CYS A 30 -4.74 -5.46 -10.77
N SER A 31 -5.36 -5.23 -11.92
CA SER A 31 -5.10 -6.07 -13.08
C SER A 31 -3.62 -6.19 -13.54
N PRO A 32 -2.76 -5.17 -13.26
CA PRO A 32 -1.33 -5.27 -13.64
C PRO A 32 -0.55 -6.38 -12.90
N TRP A 33 -1.12 -6.82 -11.78
CA TRP A 33 -0.57 -7.94 -11.01
C TRP A 33 -1.07 -9.33 -11.48
N LYS A 34 -1.83 -9.36 -12.59
CA LYS A 34 -2.57 -10.56 -12.94
C LYS A 34 -1.71 -11.77 -13.29
N LYS A 35 -0.47 -11.55 -13.68
CA LYS A 35 0.40 -12.68 -14.04
C LYS A 35 0.96 -13.35 -12.77
N ASN A 36 1.03 -12.61 -11.66
CA ASN A 36 1.63 -13.15 -10.45
C ASN A 36 1.29 -12.33 -9.24
N ALA A 37 0.42 -12.87 -8.38
CA ALA A 37 -0.24 -12.08 -7.35
C ALA A 37 -0.40 -12.83 -6.03
N CYS A 38 -0.40 -12.09 -4.93
CA CYS A 38 -0.66 -12.60 -3.59
C CYS A 38 -2.11 -12.41 -3.18
N CYS A 39 -2.89 -11.76 -4.05
CA CYS A 39 -4.29 -11.47 -3.73
C CYS A 39 -5.19 -12.31 -4.61
N THR A 40 -6.35 -12.72 -4.07
CA THR A 40 -7.36 -13.41 -4.85
C THR A 40 -8.16 -12.42 -5.71
N ALA A 41 -8.85 -12.94 -6.72
CA ALA A 41 -9.72 -12.08 -7.53
C ALA A 41 -10.75 -11.39 -6.63
N SER A 42 -11.34 -12.16 -5.72
CA SER A 42 -12.34 -11.60 -4.81
C SER A 42 -11.80 -10.45 -3.89
N THR A 43 -10.60 -10.61 -3.34
CA THR A 43 -9.94 -9.53 -2.63
C THR A 43 -9.79 -8.27 -3.51
N SER A 44 -9.33 -8.47 -4.75
CA SER A 44 -9.03 -7.35 -5.63
C SER A 44 -10.32 -6.60 -5.94
N GLN A 45 -11.40 -7.35 -6.06
CA GLN A 45 -12.70 -6.76 -6.29
C GLN A 45 -13.19 -5.96 -5.07
N GLU A 46 -13.10 -6.56 -3.90
CA GLU A 46 -13.67 -5.93 -2.72
C GLU A 46 -12.87 -4.67 -2.36
N LEU A 47 -11.58 -4.67 -2.64
CA LEU A 47 -10.74 -3.54 -2.20
C LEU A 47 -11.01 -2.23 -2.93
N HIS A 48 -11.70 -2.28 -4.07
CA HIS A 48 -12.11 -1.05 -4.76
C HIS A 48 -13.29 -0.31 -4.09
N LYS A 49 -14.00 -0.99 -3.20
CA LYS A 49 -15.21 -0.41 -2.64
C LYS A 49 -14.95 0.52 -1.47
N ASP A 50 -15.84 1.49 -1.29
CA ASP A 50 -15.81 2.32 -0.11
C ASP A 50 -16.13 1.48 1.12
N THR A 51 -15.42 1.76 2.23
CA THR A 51 -15.60 0.99 3.46
C THR A 51 -15.86 -0.49 3.13
N SER A 52 -14.90 -1.11 2.45
CA SER A 52 -15.05 -2.48 1.98
C SER A 52 -15.06 -3.47 3.14
N ARG A 53 -15.47 -4.70 2.85
CA ARG A 53 -15.50 -5.74 3.88
C ARG A 53 -14.08 -6.22 4.28
N LEU A 54 -13.05 -5.84 3.55
CA LEU A 54 -11.72 -6.35 3.90
C LEU A 54 -11.25 -5.99 5.35
N TYR A 55 -11.46 -4.74 5.76
CA TYR A 55 -11.14 -4.26 7.11
C TYR A 55 -12.20 -3.26 7.63
N ASN A 56 -13.29 -3.11 6.87
CA ASN A 56 -14.29 -2.12 7.19
C ASN A 56 -13.62 -0.74 7.30
N PHE A 57 -12.68 -0.48 6.41
CA PHE A 57 -11.96 0.80 6.47
C PHE A 57 -12.57 1.89 5.60
N ASN A 58 -12.87 3.04 6.23
CA ASN A 58 -13.50 4.20 5.57
C ASN A 58 -12.47 5.28 5.16
N TRP A 59 -12.27 5.44 3.84
CA TRP A 59 -11.41 6.51 3.35
C TRP A 59 -12.06 7.89 3.51
N ASP A 60 -13.40 7.90 3.54
CA ASP A 60 -14.18 9.14 3.56
C ASP A 60 -14.49 9.54 5.00
N HIS A 61 -13.48 9.45 5.87
CA HIS A 61 -13.72 9.71 7.28
C HIS A 61 -13.78 11.22 7.59
N CYS A 62 -13.29 12.07 6.69
CA CYS A 62 -13.47 13.51 6.86
C CYS A 62 -14.17 14.07 5.62
N GLY A 63 -15.42 13.67 5.45
CA GLY A 63 -16.12 13.91 4.21
C GLY A 63 -15.57 13.03 3.09
N LYS A 64 -16.06 13.25 1.88
CA LYS A 64 -15.69 12.43 0.74
C LYS A 64 -14.25 12.71 0.28
N MET A 65 -13.47 11.65 0.13
CA MET A 65 -12.15 11.77 -0.44
C MET A 65 -12.30 11.86 -1.97
N GLU A 66 -11.61 12.82 -2.60
CA GLU A 66 -11.74 13.04 -4.04
C GLU A 66 -11.23 11.85 -4.87
N PRO A 67 -11.86 11.59 -6.02
CA PRO A 67 -11.47 10.48 -6.89
C PRO A 67 -9.97 10.51 -7.24
N ALA A 68 -9.41 11.67 -7.58
CA ALA A 68 -8.01 11.74 -7.99
C ALA A 68 -7.10 11.28 -6.85
N CYS A 69 -7.60 11.43 -5.61
CA CYS A 69 -6.85 11.01 -4.44
C CYS A 69 -7.10 9.53 -4.10
N LYS A 70 -8.36 9.13 -4.12
CA LYS A 70 -8.74 7.78 -3.75
C LYS A 70 -8.13 6.69 -4.67
N ARG A 71 -7.92 7.01 -5.95
CA ARG A 71 -7.29 6.04 -6.84
C ARG A 71 -5.92 5.58 -6.32
N HIS A 72 -5.19 6.49 -5.63
CA HIS A 72 -3.90 6.15 -5.06
C HIS A 72 -4.00 5.22 -3.85
N PHE A 73 -4.98 5.47 -2.97
CA PHE A 73 -5.22 4.56 -1.86
C PHE A 73 -5.66 3.19 -2.37
N ILE A 74 -6.44 3.14 -3.48
CA ILE A 74 -6.83 1.86 -4.07
C ILE A 74 -5.56 1.17 -4.60
N GLN A 75 -4.73 1.93 -5.30
CA GLN A 75 -3.51 1.39 -5.88
C GLN A 75 -2.57 0.87 -4.81
N ASP A 76 -2.37 1.67 -3.75
CA ASP A 76 -1.56 1.25 -2.62
C ASP A 76 -2.10 -0.07 -2.00
N THR A 77 -3.42 -0.21 -1.90
CA THR A 77 -3.98 -1.45 -1.35
C THR A 77 -3.74 -2.63 -2.30
N CYS A 78 -3.81 -2.40 -3.63
CA CYS A 78 -3.47 -3.46 -4.60
C CYS A 78 -2.04 -3.91 -4.35
N LEU A 79 -1.13 -2.95 -4.18
CA LEU A 79 0.27 -3.31 -3.93
C LEU A 79 0.37 -4.12 -2.62
N TYR A 80 -0.20 -3.58 -1.55
CA TYR A 80 -0.11 -4.24 -0.25
C TYR A 80 -0.71 -5.66 -0.31
N GLU A 81 -1.92 -5.79 -0.84
CA GLU A 81 -2.61 -7.09 -0.84
C GLU A 81 -2.09 -8.00 -1.95
N CYS A 82 -1.54 -7.44 -3.03
CA CYS A 82 -1.21 -8.30 -4.20
C CYS A 82 0.27 -8.56 -4.51
N SER A 83 1.16 -7.67 -4.08
CA SER A 83 2.57 -7.79 -4.47
C SER A 83 3.29 -9.05 -4.00
N PRO A 84 3.90 -9.80 -4.93
CA PRO A 84 4.74 -10.93 -4.51
C PRO A 84 6.19 -10.47 -4.47
N ASN A 85 6.42 -9.17 -4.48
CA ASN A 85 7.77 -8.65 -4.62
C ASN A 85 8.27 -7.78 -3.47
N LEU A 86 7.77 -8.04 -2.27
CA LEU A 86 8.11 -7.18 -1.11
C LEU A 86 8.78 -8.00 0.00
N GLY A 87 9.14 -9.25 -0.30
CA GLY A 87 9.86 -10.12 0.63
C GLY A 87 10.97 -9.44 1.42
N PRO A 88 11.87 -8.71 0.73
CA PRO A 88 13.03 -8.11 1.40
C PRO A 88 12.66 -7.14 2.53
N TRP A 89 11.41 -6.67 2.56
CA TRP A 89 10.98 -5.69 3.54
C TRP A 89 10.00 -6.26 4.56
N ILE A 90 9.73 -7.55 4.46
CA ILE A 90 8.84 -8.20 5.40
C ILE A 90 9.47 -8.22 6.82
N GLN A 91 8.69 -7.80 7.82
CA GLN A 91 9.10 -7.94 9.22
C GLN A 91 8.05 -8.69 10.06
N GLN A 92 8.50 -9.31 11.14
CA GLN A 92 7.58 -9.97 12.07
C GLN A 92 6.89 -8.93 12.95
N VAL A 93 5.61 -9.15 13.25
CA VAL A 93 4.88 -8.20 14.09
C VAL A 93 3.88 -8.91 15.02
N ASN A 94 3.64 -8.33 16.19
CA ASN A 94 2.62 -8.84 17.11
C ASN A 94 1.28 -8.12 16.93
N GLN A 95 0.43 -8.66 16.07
CA GLN A 95 -0.90 -8.09 15.86
C GLN A 95 -1.94 -9.18 15.72
N SER A 96 -3.18 -8.86 16.08
CA SER A 96 -4.21 -9.89 16.14
C SER A 96 -4.63 -10.32 14.75
N TRP A 97 -4.45 -9.45 13.75
CA TRP A 97 -4.99 -9.67 12.39
C TRP A 97 -3.95 -9.91 11.30
N ARG A 98 -2.67 -9.90 11.65
CA ARG A 98 -1.60 -10.34 10.75
C ARG A 98 -0.38 -10.69 11.58
N LYS A 99 0.48 -11.56 11.04
CA LYS A 99 1.73 -11.97 11.71
C LYS A 99 2.96 -11.21 11.16
N GLU A 100 2.80 -10.58 10.01
CA GLU A 100 3.91 -9.84 9.36
C GLU A 100 3.40 -8.57 8.73
N ARG A 101 4.33 -7.65 8.49
CA ARG A 101 4.01 -6.44 7.72
C ARG A 101 5.29 -5.97 7.02
N PHE A 102 5.23 -4.82 6.37
CA PHE A 102 6.37 -4.34 5.61
C PHE A 102 6.94 -3.15 6.30
N LEU A 103 8.25 -2.98 6.16
CA LEU A 103 8.97 -1.83 6.72
C LEU A 103 9.97 -1.26 5.69
N ASP A 104 9.95 0.05 5.49
CA ASP A 104 10.96 0.75 4.67
C ASP A 104 11.05 0.28 3.19
N VAL A 105 9.91 -0.15 2.63
CA VAL A 105 9.81 -0.38 1.19
C VAL A 105 10.19 0.92 0.41
N PRO A 106 11.18 0.81 -0.49
CA PRO A 106 11.69 1.99 -1.21
C PRO A 106 10.77 2.43 -2.34
N LEU A 107 9.76 3.21 -2.01
CA LEU A 107 8.80 3.74 -2.96
C LEU A 107 9.43 4.82 -3.84
N CYS A 108 9.29 4.67 -5.16
CA CYS A 108 9.85 5.63 -6.13
C CYS A 108 9.31 7.02 -5.82
N LYS A 109 10.19 8.03 -5.83
CA LYS A 109 9.81 9.33 -5.31
C LYS A 109 8.64 9.93 -6.07
N GLU A 110 8.60 9.71 -7.39
CA GLU A 110 7.49 10.24 -8.17
C GLU A 110 6.12 9.65 -7.77
N ASP A 111 6.06 8.37 -7.45
CA ASP A 111 4.77 7.81 -6.98
C ASP A 111 4.30 8.47 -5.67
N CYS A 112 5.25 8.71 -4.76
CA CYS A 112 4.91 9.41 -3.53
C CYS A 112 4.47 10.85 -3.85
N GLN A 113 5.30 11.54 -4.64
CA GLN A 113 4.98 12.92 -5.02
C GLN A 113 3.56 13.05 -5.63
N ARG A 114 3.28 12.19 -6.64
CA ARG A 114 2.01 12.25 -7.35
C ARG A 114 0.83 11.99 -6.40
N TRP A 115 1.02 11.03 -5.49
CA TRP A 115 0.01 10.64 -4.51
C TRP A 115 -0.27 11.86 -3.64
N TRP A 116 0.79 12.45 -3.08
CA TRP A 116 0.63 13.59 -2.19
C TRP A 116 -0.08 14.73 -2.90
N GLU A 117 0.38 15.06 -4.10
CA GLU A 117 -0.27 16.14 -4.84
C GLU A 117 -1.75 15.89 -5.12
N ASP A 118 -2.07 14.68 -5.53
CA ASP A 118 -3.44 14.38 -5.96
C ASP A 118 -4.38 14.40 -4.73
N CYS A 119 -3.82 14.31 -3.52
CA CYS A 119 -4.63 14.32 -2.31
C CYS A 119 -4.76 15.70 -1.59
N HIS A 120 -4.15 16.75 -2.13
CA HIS A 120 -4.20 18.07 -1.50
C HIS A 120 -5.62 18.56 -1.18
N THR A 121 -6.56 18.31 -2.08
CA THR A 121 -7.93 18.78 -1.84
C THR A 121 -8.73 17.83 -0.95
N SER A 122 -8.11 16.77 -0.44
CA SER A 122 -8.84 15.88 0.47
C SER A 122 -8.59 16.23 1.96
N HIS A 123 -9.25 15.51 2.86
CA HIS A 123 -9.21 15.84 4.29
C HIS A 123 -8.93 14.61 5.15
N THR A 124 -8.34 14.80 6.32
CA THR A 124 -8.19 13.67 7.23
C THR A 124 -8.07 14.22 8.63
N CYS A 125 -8.06 13.33 9.61
CA CYS A 125 -8.03 13.72 11.00
C CYS A 125 -6.82 13.11 11.72
N LYS A 126 -5.98 12.35 10.99
CA LYS A 126 -4.83 11.64 11.56
C LYS A 126 -3.66 11.53 10.59
N SER A 127 -2.43 11.61 11.10
CA SER A 127 -1.25 11.47 10.24
C SER A 127 -0.72 10.03 10.21
N ASN A 128 -1.37 9.14 10.94
CA ASN A 128 -1.03 7.71 10.87
C ASN A 128 -2.34 6.94 10.85
N TRP A 129 -2.55 6.14 9.81
CA TRP A 129 -3.87 5.53 9.61
C TRP A 129 -3.86 4.04 9.98
N HIS A 130 -2.72 3.55 10.43
CA HIS A 130 -2.60 2.15 10.87
C HIS A 130 -3.05 1.99 12.35
N ARG A 131 -2.66 2.92 13.23
CA ARG A 131 -3.01 2.83 14.66
C ARG A 131 -3.73 4.06 15.21
N GLY A 132 -4.73 3.83 16.06
CA GLY A 132 -5.31 4.90 16.85
C GLY A 132 -6.74 5.32 16.50
N TRP A 133 -7.38 4.59 15.58
CA TRP A 133 -8.76 4.93 15.25
C TRP A 133 -9.73 4.53 16.34
N ASP A 134 -10.86 5.21 16.39
CA ASP A 134 -12.00 4.76 17.17
C ASP A 134 -12.77 3.71 16.33
N TRP A 135 -12.63 2.44 16.68
CA TRP A 135 -13.30 1.36 15.94
C TRP A 135 -14.58 0.86 16.58
N THR A 136 -15.09 1.59 17.58
CA THR A 136 -16.19 1.07 18.39
C THR A 136 -17.48 0.87 17.60
N SER A 137 -17.67 1.62 16.51
CA SER A 137 -18.89 1.45 15.71
C SER A 137 -18.79 0.29 14.70
N GLY A 138 -17.61 -0.30 14.57
CA GLY A 138 -17.38 -1.28 13.52
C GLY A 138 -16.58 -0.69 12.36
N VAL A 139 -16.58 0.63 12.24
CA VAL A 139 -15.86 1.31 11.18
C VAL A 139 -14.99 2.40 11.81
N ASN A 140 -13.80 2.62 11.26
CA ASN A 140 -12.90 3.64 11.79
C ASN A 140 -13.51 5.05 11.80
N LYS A 141 -13.46 5.67 12.97
CA LYS A 141 -13.86 7.07 13.13
C LYS A 141 -12.77 7.87 13.84
N CYS A 142 -12.72 9.17 13.58
CA CYS A 142 -11.76 10.04 14.22
C CYS A 142 -11.93 9.94 15.73
N PRO A 143 -10.83 9.68 16.47
CA PRO A 143 -10.87 9.54 17.93
C PRO A 143 -10.82 10.90 18.62
N ALA A 144 -10.95 10.89 19.94
CA ALA A 144 -10.90 12.12 20.73
C ALA A 144 -9.63 12.91 20.42
N GLY A 145 -9.77 14.21 20.23
CA GLY A 145 -8.62 15.08 20.02
C GLY A 145 -8.17 15.24 18.59
N ALA A 146 -8.87 14.59 17.67
CA ALA A 146 -8.42 14.55 16.28
C ALA A 146 -9.39 15.32 15.38
N LEU A 147 -9.03 16.52 14.97
CA LEU A 147 -9.93 17.31 14.13
C LEU A 147 -9.70 16.99 12.67
N CYS A 148 -10.74 17.17 11.87
CA CYS A 148 -10.60 17.14 10.43
C CYS A 148 -9.85 18.39 9.95
N ARG A 149 -8.84 18.17 9.10
CA ARG A 149 -8.01 19.25 8.52
C ARG A 149 -7.67 18.90 7.05
N THR A 150 -7.06 19.84 6.32
CA THR A 150 -6.60 19.52 4.97
C THR A 150 -5.54 18.44 5.07
N PHE A 151 -5.38 17.68 3.99
CA PHE A 151 -4.38 16.62 3.95
C PHE A 151 -3.02 17.17 4.33
N GLU A 152 -2.68 18.32 3.75
CA GLU A 152 -1.39 18.95 3.99
C GLU A 152 -1.13 19.28 5.45
N SER A 153 -2.17 19.56 6.23
CA SER A 153 -1.99 19.81 7.67
C SER A 153 -1.38 18.60 8.37
N TYR A 154 -1.92 17.42 8.11
CA TYR A 154 -1.39 16.19 8.69
C TYR A 154 -0.18 15.59 7.95
N PHE A 155 -0.06 15.90 6.66
CA PHE A 155 1.04 15.38 5.83
C PHE A 155 1.71 16.55 5.12
N PRO A 156 2.60 17.24 5.83
CA PRO A 156 3.11 18.50 5.27
C PRO A 156 4.03 18.32 4.06
N THR A 157 4.56 17.11 3.85
CA THR A 157 5.37 16.79 2.69
C THR A 157 5.01 15.39 2.18
N PRO A 158 5.39 15.08 0.94
CA PRO A 158 5.17 13.73 0.40
C PRO A 158 5.71 12.66 1.33
N ALA A 159 6.92 12.81 1.84
CA ALA A 159 7.43 11.77 2.77
C ALA A 159 6.52 11.58 4.00
N ALA A 160 5.97 12.67 4.52
CA ALA A 160 5.10 12.53 5.70
C ALA A 160 3.88 11.68 5.38
N LEU A 161 3.34 11.82 4.17
CA LEU A 161 2.27 10.94 3.76
C LEU A 161 2.76 9.48 3.59
N CYS A 162 3.69 9.26 2.67
CA CYS A 162 4.06 7.89 2.30
C CYS A 162 4.72 7.11 3.45
N GLU A 163 5.50 7.81 4.28
CA GLU A 163 6.20 7.17 5.40
C GLU A 163 5.33 7.10 6.65
N GLY A 164 4.52 8.13 6.93
CA GLY A 164 3.79 8.15 8.20
C GLY A 164 2.53 7.30 8.15
N LEU A 165 1.97 7.17 6.95
CA LEU A 165 0.65 6.59 6.76
C LEU A 165 0.50 5.19 7.41
N TRP A 166 1.43 4.28 7.13
CA TRP A 166 1.32 2.92 7.65
C TRP A 166 2.48 2.57 8.59
N SER A 167 2.94 3.52 9.41
CA SER A 167 3.99 3.25 10.39
C SER A 167 5.30 2.89 9.70
N HIS A 168 5.70 3.70 8.73
CA HIS A 168 6.97 3.51 8.00
C HIS A 168 7.03 2.25 7.16
N SER A 169 5.89 1.82 6.66
CA SER A 169 5.91 0.68 5.75
C SER A 169 6.62 1.07 4.46
N TYR A 170 6.53 2.34 4.06
CA TYR A 170 7.35 2.88 2.97
C TYR A 170 8.44 3.82 3.48
N LYS A 171 9.54 3.89 2.73
CA LYS A 171 10.40 5.08 2.76
C LYS A 171 10.38 5.59 1.34
N VAL A 172 10.62 6.87 1.16
CA VAL A 172 10.63 7.47 -0.17
C VAL A 172 12.02 7.29 -0.73
N SER A 173 12.15 6.50 -1.78
CA SER A 173 13.44 6.29 -2.40
C SER A 173 13.83 7.58 -3.13
N ASN A 174 15.12 7.88 -3.23
CA ASN A 174 15.57 8.98 -4.11
C ASN A 174 15.72 8.52 -5.56
N TYR A 175 15.55 7.23 -5.81
CA TYR A 175 15.55 6.69 -7.18
C TYR A 175 14.21 6.95 -7.86
N SER A 176 14.19 6.95 -9.19
CA SER A 176 12.96 7.27 -9.91
C SER A 176 12.23 6.09 -10.56
N ARG A 177 10.94 6.30 -10.85
CA ARG A 177 10.14 5.37 -11.62
C ARG A 177 10.96 4.94 -12.80
N GLY A 178 11.12 3.63 -13.01
CA GLY A 178 11.78 3.17 -14.22
C GLY A 178 13.28 2.88 -14.05
N SER A 179 13.81 3.16 -12.86
CA SER A 179 15.24 2.97 -12.66
C SER A 179 15.55 1.52 -12.31
N GLY A 180 14.54 0.75 -11.92
CA GLY A 180 14.78 -0.60 -11.45
C GLY A 180 15.46 -0.60 -10.09
N ARG A 181 15.38 0.52 -9.37
CA ARG A 181 15.98 0.63 -8.04
C ARG A 181 15.00 1.17 -7.02
N CYS A 182 13.71 1.20 -7.38
CA CYS A 182 12.67 1.50 -6.41
C CYS A 182 11.39 0.76 -6.79
N ILE A 183 10.52 0.54 -5.80
CA ILE A 183 9.24 -0.13 -6.01
C ILE A 183 8.23 0.86 -6.59
N GLN A 184 7.63 0.48 -7.72
CA GLN A 184 6.55 1.27 -8.29
C GLN A 184 5.24 0.76 -7.77
N MET A 185 4.45 1.70 -7.23
CA MET A 185 3.05 1.47 -6.91
C MET A 185 2.24 1.40 -8.19
N TRP A 186 2.52 2.31 -9.13
CA TRP A 186 1.81 2.37 -10.42
C TRP A 186 2.70 1.83 -11.55
N PHE A 187 2.29 0.76 -12.20
CA PHE A 187 3.02 0.30 -13.38
C PHE A 187 2.07 -0.40 -14.33
N ASP A 188 2.34 -0.34 -15.62
CA ASP A 188 1.61 -1.22 -16.52
C ASP A 188 2.45 -2.47 -16.67
N SER A 189 1.86 -3.52 -17.17
CA SER A 189 2.60 -4.79 -17.16
C SER A 189 3.27 -5.16 -18.49
N ALA A 190 3.35 -4.25 -19.45
CA ALA A 190 3.77 -4.61 -20.82
C ALA A 190 5.12 -5.33 -20.92
N GLN A 191 6.11 -4.90 -20.14
CA GLN A 191 7.41 -5.57 -20.15
C GLN A 191 7.62 -6.46 -18.93
N GLY A 192 6.52 -6.93 -18.33
CA GLY A 192 6.61 -7.66 -17.07
C GLY A 192 6.31 -6.75 -15.89
N ASN A 193 6.29 -7.35 -14.70
CA ASN A 193 6.16 -6.59 -13.45
C ASN A 193 7.57 -6.07 -13.09
N PRO A 194 7.75 -4.75 -13.12
CA PRO A 194 9.08 -4.15 -12.97
C PRO A 194 9.61 -4.28 -11.55
N ASN A 195 8.74 -4.50 -10.59
CA ASN A 195 9.20 -4.70 -9.22
C ASN A 195 9.91 -6.04 -8.94
N GLU A 196 9.80 -7.03 -9.83
CA GLU A 196 10.52 -8.29 -9.62
C GLU A 196 12.03 -8.05 -9.58
N GLU A 197 12.51 -7.32 -10.57
CA GLU A 197 13.91 -6.98 -10.69
C GLU A 197 14.33 -6.20 -9.44
N VAL A 198 13.45 -5.35 -8.92
CA VAL A 198 13.79 -4.54 -7.73
C VAL A 198 13.97 -5.40 -6.47
N ALA A 199 13.06 -6.34 -6.27
CA ALA A 199 13.10 -7.23 -5.11
C ALA A 199 14.39 -8.02 -5.17
N ARG A 200 14.77 -8.40 -6.38
CA ARG A 200 15.97 -9.19 -6.64
CA ARG A 200 15.97 -9.20 -6.60
C ARG A 200 17.22 -8.40 -6.28
N PHE A 201 17.28 -7.15 -6.73
CA PHE A 201 18.39 -6.28 -6.42
C PHE A 201 18.55 -6.05 -4.91
N TYR A 202 17.48 -5.66 -4.22
CA TYR A 202 17.59 -5.38 -2.77
C TYR A 202 17.79 -6.61 -1.88
N ALA A 203 17.26 -7.77 -2.27
CA ALA A 203 17.52 -8.99 -1.51
C ALA A 203 19.04 -9.13 -1.29
N ALA A 204 19.80 -8.90 -2.36
CA ALA A 204 21.25 -9.05 -2.27
C ALA A 204 21.90 -7.81 -1.68
N ALA A 205 21.43 -6.62 -2.10
CA ALA A 205 22.03 -5.36 -1.62
C ALA A 205 21.86 -5.08 -0.12
N MET A 206 20.75 -5.52 0.45
CA MET A 206 20.48 -5.42 1.90
C MET A 206 21.10 -6.52 2.71
N HIS A 207 21.75 -7.49 2.06
CA HIS A 207 22.19 -8.70 2.77
C HIS A 207 23.42 -8.49 3.67
C1 NAG B . 18.75 12.48 -5.22
C2 NAG B . 20.05 12.97 -4.57
C3 NAG B . 20.49 14.33 -5.16
C4 NAG B . 20.47 14.33 -6.68
C5 NAG B . 19.07 13.89 -7.11
C6 NAG B . 18.92 13.88 -8.64
C7 NAG B . 20.69 12.36 -2.29
C8 NAG B . 20.42 12.53 -0.82
N2 NAG B . 19.90 13.06 -3.14
O3 NAG B . 21.79 14.62 -4.70
O4 NAG B . 20.80 15.59 -7.25
O5 NAG B . 18.81 12.60 -6.63
O6 NAG B . 19.65 12.79 -9.16
O7 NAG B . 21.62 11.62 -2.65
C1 NAG B . 21.94 16.48 -7.49
C2 NAG B . 21.78 17.79 -8.27
C3 NAG B . 23.10 18.36 -8.78
C4 NAG B . 24.02 18.55 -7.58
C5 NAG B . 24.20 17.20 -6.86
C6 NAG B . 25.10 17.29 -5.61
C7 NAG B . 19.65 18.10 -9.23
C8 NAG B . 18.78 18.08 -10.46
N2 NAG B . 20.87 17.63 -9.38
O3 NAG B . 22.85 19.57 -9.47
O4 NAG B . 25.23 19.18 -8.00
O5 NAG B . 22.95 16.61 -6.49
O6 NAG B . 24.41 17.24 -4.37
O7 NAG B . 19.23 18.53 -8.14
C1 NAG C . 6.29 -9.81 19.86
C2 NAG C . 7.58 -9.00 19.65
C3 NAG C . 8.79 -9.72 20.26
C4 NAG C . 8.49 -10.11 21.70
C5 NAG C . 7.20 -10.92 21.81
C6 NAG C . 6.86 -11.32 23.27
C7 NAG C . 8.01 -7.40 17.88
C8 NAG C . 8.29 -7.09 16.42
N2 NAG C . 7.85 -8.67 18.24
O3 NAG C . 9.93 -8.88 20.16
O4 NAG C . 9.57 -10.86 22.21
O5 NAG C . 6.11 -10.24 21.21
O6 NAG C . 6.57 -10.20 24.11
O7 NAG C . 7.93 -6.47 18.68
C1 NAG C . 10.11 -10.59 23.51
C2 NAG C . 10.74 -11.84 24.12
C3 NAG C . 11.54 -11.53 25.38
C4 NAG C . 12.43 -10.30 25.22
C5 NAG C . 11.60 -9.13 24.66
C6 NAG C . 12.42 -7.87 24.41
C7 NAG C . 9.48 -13.87 23.67
C8 NAG C . 8.36 -14.76 24.12
N2 NAG C . 9.70 -12.80 24.44
O3 NAG C . 12.33 -12.65 25.71
O4 NAG C . 13.01 -9.98 26.47
O5 NAG C . 10.98 -9.49 23.44
O6 NAG C . 11.56 -6.90 23.85
O7 NAG C . 10.15 -14.11 22.66
N1 MTX D . -0.31 -1.50 5.76
C2 MTX D . 0.31 -1.02 4.61
NA2 MTX D . 1.63 -0.92 4.60
N3 MTX D . -0.43 -0.67 3.51
C4 MTX D . -1.80 -0.79 3.54
NA4 MTX D . -2.52 -0.48 2.46
C4A MTX D . -2.44 -1.26 4.69
N5 MTX D . -3.82 -1.39 4.72
C6 MTX D . -4.44 -1.87 5.88
C7 MTX D . -3.66 -2.18 7.01
N8 MTX D . -2.29 -2.06 6.97
C8A MTX D . -1.67 -1.60 5.81
C9 MTX D . -5.94 -2.01 5.97
N10 MTX D . -6.47 -0.92 6.78
CM MTX D . -6.52 0.43 6.19
C11 MTX D . -6.60 -1.33 10.95
C12 MTX D . -6.82 -2.45 10.15
C13 MTX D . -6.77 -2.32 8.75
C14 MTX D . -6.52 -1.08 8.18
C15 MTX D . -6.32 0.04 8.99
C16 MTX D . -6.35 -0.07 10.39
C MTX D . -6.67 -1.43 12.46
O MTX D . -7.42 -2.48 13.00
N MTX D . -6.06 -0.53 13.24
CA MTX D . -6.20 -0.51 14.68
CT MTX D . -6.23 0.91 15.20
O1 MTX D . -5.65 1.22 16.28
O2 MTX D . -6.81 1.81 14.56
CB MTX D . -4.99 -1.20 15.29
CG MTX D . -5.25 -2.68 15.45
CD MTX D . -4.08 -3.28 16.20
OE1 MTX D . -3.98 -3.09 17.43
OE2 MTX D . -3.24 -3.95 15.59
K K E . 4.68 -5.82 -7.26
CL CL F . -4.78 12.03 -14.80
CL CL G . -13.41 -10.64 9.27
#